data_6N4P
# 
_entry.id   6N4P 
# 
_audit_conform.dict_name       mmcif_pdbx.dic 
_audit_conform.dict_version    5.389 
_audit_conform.dict_location   http://mmcif.pdb.org/dictionaries/ascii/mmcif_pdbx.dic 
# 
loop_
_database_2.database_id 
_database_2.database_code 
_database_2.pdbx_database_accession 
_database_2.pdbx_DOI 
PDB   6N4P         pdb_00006n4p 10.2210/pdb6n4p/pdb 
WWPDB D_1000238167 ?            ?                   
# 
loop_
_pdbx_audit_revision_history.ordinal 
_pdbx_audit_revision_history.data_content_type 
_pdbx_audit_revision_history.major_revision 
_pdbx_audit_revision_history.minor_revision 
_pdbx_audit_revision_history.revision_date 
1 'Structure model' 1 0 2019-11-20 
2 'Structure model' 1 1 2019-12-18 
3 'Structure model' 1 2 2021-06-16 
4 'Structure model' 1 3 2024-03-13 
5 'Structure model' 1 4 2024-04-03 
# 
_pdbx_audit_revision_details.ordinal             1 
_pdbx_audit_revision_details.revision_ordinal    1 
_pdbx_audit_revision_details.data_content_type   'Structure model' 
_pdbx_audit_revision_details.provider            repository 
_pdbx_audit_revision_details.type                'Initial release' 
_pdbx_audit_revision_details.description         ? 
_pdbx_audit_revision_details.details             ? 
# 
loop_
_pdbx_audit_revision_group.ordinal 
_pdbx_audit_revision_group.revision_ordinal 
_pdbx_audit_revision_group.data_content_type 
_pdbx_audit_revision_group.group 
1 2 'Structure model' 'Author supporting evidence' 
2 3 'Structure model' 'Database references'        
3 4 'Structure model' 'Data collection'            
4 4 'Structure model' 'Database references'        
5 5 'Structure model' 'Refinement description'     
# 
loop_
_pdbx_audit_revision_category.ordinal 
_pdbx_audit_revision_category.revision_ordinal 
_pdbx_audit_revision_category.data_content_type 
_pdbx_audit_revision_category.category 
1 2 'Structure model' pdbx_audit_support            
2 3 'Structure model' citation                      
3 4 'Structure model' chem_comp_atom                
4 4 'Structure model' chem_comp_bond                
5 4 'Structure model' citation                      
6 4 'Structure model' database_2                    
7 5 'Structure model' pdbx_initial_refinement_model 
# 
loop_
_pdbx_audit_revision_item.ordinal 
_pdbx_audit_revision_item.revision_ordinal 
_pdbx_audit_revision_item.data_content_type 
_pdbx_audit_revision_item.item 
1  2 'Structure model' '_pdbx_audit_support.funding_organization' 
2  3 'Structure model' '_citation.country'                        
3  3 'Structure model' '_citation.journal_abbrev'                 
4  3 'Structure model' '_citation.journal_id_CSD'                 
5  3 'Structure model' '_citation.pdbx_database_id_DOI'           
6  3 'Structure model' '_citation.title'                          
7  3 'Structure model' '_citation.year'                           
8  4 'Structure model' '_citation.journal_id_ISSN'                
9  4 'Structure model' '_database_2.pdbx_DOI'                     
10 4 'Structure model' '_database_2.pdbx_database_accession'      
# 
_pdbx_database_status.status_code                     REL 
_pdbx_database_status.status_code_sf                  REL 
_pdbx_database_status.status_code_mr                  ? 
_pdbx_database_status.entry_id                        6N4P 
_pdbx_database_status.recvd_initial_deposition_date   2018-11-19 
_pdbx_database_status.SG_entry                        N 
_pdbx_database_status.deposit_site                    RCSB 
_pdbx_database_status.process_site                    RCSB 
_pdbx_database_status.status_code_cs                  ? 
_pdbx_database_status.methods_development_category    ? 
_pdbx_database_status.pdb_format_compatible           Y 
_pdbx_database_status.status_code_nmr_data            ? 
# 
loop_
_audit_author.name 
_audit_author.pdbx_ordinal 
_audit_author.identifier_ORCID 
'Eisenberg, D.S.' 1 ? 
'Boyer, D.R.'     2 ? 
# 
_citation.abstract                  ? 
_citation.abstract_id_CAS           ? 
_citation.book_id_ISBN              ? 
_citation.book_publisher            ? 
_citation.book_publisher_city       ? 
_citation.book_title                ? 
_citation.coordinate_linkage        ? 
_citation.country                   US 
_citation.database_id_Medline       ? 
_citation.details                   ? 
_citation.id                        primary 
_citation.journal_abbrev            Biorxiv 
_citation.journal_id_ASTM           ? 
_citation.journal_id_CSD            ? 
_citation.journal_id_ISSN           2692-8205 
_citation.journal_full              ? 
_citation.journal_issue             ? 
_citation.journal_volume            ? 
_citation.language                  ? 
_citation.page_first                ? 
_citation.page_last                 ? 
_citation.title                     
;A structure-based model for the electrostatic interaction of the N-terminus of protein tau with the fibril core of Alzheimer's Disease filaments
;
_citation.year                      2021 
_citation.database_id_CSD           ? 
_citation.pdbx_database_id_DOI      10.1101/484279 
_citation.pdbx_database_id_PubMed   ? 
_citation.unpublished_flag          ? 
# 
loop_
_citation_author.citation_id 
_citation_author.name 
_citation_author.ordinal 
_citation_author.identifier_ORCID 
primary 'Boyer, D.R.'     1 ? 
primary 'Eisenberg, D.S.' 2 ? 
# 
loop_
_entity.id 
_entity.type 
_entity.src_method 
_entity.pdbx_description 
_entity.formula_weight 
_entity.pdbx_number_of_molecules 
_entity.pdbx_ec 
_entity.pdbx_mutation 
_entity.pdbx_fragment 
_entity.details 
1 polymer syn 'Microtubule-associated protein tau' 807.870 2 ? ? 'UNP residues 5-10' ? 
2 water   nat water                                18.015  4 ? ? ?                   ? 
# 
_entity_name_com.entity_id   1 
_entity_name_com.name        'Neurofibrillary tangle protein, Paired helical filament-tau, PHF-tau' 
# 
_entity_poly.entity_id                      1 
_entity_poly.type                           'polypeptide(L)' 
_entity_poly.nstd_linkage                   no 
_entity_poly.nstd_monomer                   no 
_entity_poly.pdbx_seq_one_letter_code       RQEFEV 
_entity_poly.pdbx_seq_one_letter_code_can   RQEFEV 
_entity_poly.pdbx_strand_id                 A,C 
_entity_poly.pdbx_target_identifier         ? 
# 
_pdbx_entity_nonpoly.entity_id   2 
_pdbx_entity_nonpoly.name        water 
_pdbx_entity_nonpoly.comp_id     HOH 
# 
loop_
_entity_poly_seq.entity_id 
_entity_poly_seq.num 
_entity_poly_seq.mon_id 
_entity_poly_seq.hetero 
1 1 ARG n 
1 2 GLN n 
1 3 GLU n 
1 4 PHE n 
1 5 GLU n 
1 6 VAL n 
# 
_pdbx_entity_src_syn.entity_id              1 
_pdbx_entity_src_syn.pdbx_src_id            1 
_pdbx_entity_src_syn.pdbx_alt_source_flag   sample 
_pdbx_entity_src_syn.pdbx_beg_seq_num       1 
_pdbx_entity_src_syn.pdbx_end_seq_num       6 
_pdbx_entity_src_syn.organism_scientific    'Homo sapiens' 
_pdbx_entity_src_syn.organism_common_name   Human 
_pdbx_entity_src_syn.ncbi_taxonomy_id       9606 
_pdbx_entity_src_syn.details                ? 
# 
loop_
_chem_comp.id 
_chem_comp.type 
_chem_comp.mon_nstd_flag 
_chem_comp.name 
_chem_comp.pdbx_synonyms 
_chem_comp.formula 
_chem_comp.formula_weight 
ARG 'L-peptide linking' y ARGININE        ? 'C6 H15 N4 O2 1' 175.209 
GLN 'L-peptide linking' y GLUTAMINE       ? 'C5 H10 N2 O3'   146.144 
GLU 'L-peptide linking' y 'GLUTAMIC ACID' ? 'C5 H9 N O4'     147.129 
HOH non-polymer         . WATER           ? 'H2 O'           18.015  
PHE 'L-peptide linking' y PHENYLALANINE   ? 'C9 H11 N O2'    165.189 
VAL 'L-peptide linking' y VALINE          ? 'C5 H11 N O2'    117.146 
# 
loop_
_pdbx_poly_seq_scheme.asym_id 
_pdbx_poly_seq_scheme.entity_id 
_pdbx_poly_seq_scheme.seq_id 
_pdbx_poly_seq_scheme.mon_id 
_pdbx_poly_seq_scheme.ndb_seq_num 
_pdbx_poly_seq_scheme.pdb_seq_num 
_pdbx_poly_seq_scheme.auth_seq_num 
_pdbx_poly_seq_scheme.pdb_mon_id 
_pdbx_poly_seq_scheme.auth_mon_id 
_pdbx_poly_seq_scheme.pdb_strand_id 
_pdbx_poly_seq_scheme.pdb_ins_code 
_pdbx_poly_seq_scheme.hetero 
A 1 1 ARG 1 1 1 ARG ARG A . n 
A 1 2 GLN 2 2 2 GLN GLN A . n 
A 1 3 GLU 3 3 3 GLU GLU A . n 
A 1 4 PHE 4 4 4 PHE PHE A . n 
A 1 5 GLU 5 5 5 GLU GLU A . n 
A 1 6 VAL 6 6 6 VAL VAL A . n 
B 1 1 ARG 1 1 1 ARG ARG C . n 
B 1 2 GLN 2 2 2 GLN GLN C . n 
B 1 3 GLU 3 3 3 GLU GLU C . n 
B 1 4 PHE 4 4 4 PHE PHE C . n 
B 1 5 GLU 5 5 5 GLU GLU C . n 
B 1 6 VAL 6 6 6 VAL VAL C . n 
# 
loop_
_pdbx_nonpoly_scheme.asym_id 
_pdbx_nonpoly_scheme.entity_id 
_pdbx_nonpoly_scheme.mon_id 
_pdbx_nonpoly_scheme.ndb_seq_num 
_pdbx_nonpoly_scheme.pdb_seq_num 
_pdbx_nonpoly_scheme.auth_seq_num 
_pdbx_nonpoly_scheme.pdb_mon_id 
_pdbx_nonpoly_scheme.auth_mon_id 
_pdbx_nonpoly_scheme.pdb_strand_id 
_pdbx_nonpoly_scheme.pdb_ins_code 
C 2 HOH 1 101 1 HOH HOH A . 
C 2 HOH 2 102 3 HOH HOH A . 
C 2 HOH 3 103 2 HOH HOH A . 
D 2 HOH 1 101 4 HOH HOH C . 
# 
loop_
_software.citation_id 
_software.classification 
_software.compiler_name 
_software.compiler_version 
_software.contact_author 
_software.contact_author_email 
_software.date 
_software.description 
_software.dependencies 
_software.hardware 
_software.language 
_software.location 
_software.mods 
_software.name 
_software.os 
_software.os_version 
_software.type 
_software.version 
_software.pdbx_ordinal 
? refinement        ? ? ? ? ? ? ? ? ? ? ? PHENIX      ? ? ? .    1 
? 'data scaling'    ? ? ? ? ? ? ? ? ? ? ? XSCALE      ? ? ? .    2 
? 'data extraction' ? ? ? ? ? ? ? ? ? ? ? PDB_EXTRACT ? ? ? 3.24 3 
? 'data reduction'  ? ? ? ? ? ? ? ? ? ? ? XDS         ? ? ? .    4 
? phasing           ? ? ? ? ? ? ? ? ? ? ? PHASER      ? ? ? .    5 
# 
_cell.angle_alpha                  90.000 
_cell.angle_alpha_esd              ? 
_cell.angle_beta                   104.240 
_cell.angle_beta_esd               ? 
_cell.angle_gamma                  90.000 
_cell.angle_gamma_esd              ? 
_cell.entry_id                     6N4P 
_cell.details                      ? 
_cell.formula_units_Z              ? 
_cell.length_a                     16.590 
_cell.length_a_esd                 ? 
_cell.length_b                     11.450 
_cell.length_b_esd                 ? 
_cell.length_c                     25.420 
_cell.length_c_esd                 ? 
_cell.volume                       ? 
_cell.volume_esd                   ? 
_cell.Z_PDB                        4 
_cell.reciprocal_angle_alpha       ? 
_cell.reciprocal_angle_beta        ? 
_cell.reciprocal_angle_gamma       ? 
_cell.reciprocal_angle_alpha_esd   ? 
_cell.reciprocal_angle_beta_esd    ? 
_cell.reciprocal_angle_gamma_esd   ? 
_cell.reciprocal_length_a          ? 
_cell.reciprocal_length_b          ? 
_cell.reciprocal_length_c          ? 
_cell.reciprocal_length_a_esd      ? 
_cell.reciprocal_length_b_esd      ? 
_cell.reciprocal_length_c_esd      ? 
_cell.pdbx_unique_axis             ? 
# 
_symmetry.entry_id                         6N4P 
_symmetry.cell_setting                     ? 
_symmetry.Int_Tables_number                4 
_symmetry.space_group_name_Hall            ? 
_symmetry.space_group_name_H-M             'P 1 21 1' 
_symmetry.pdbx_full_space_group_name_H-M   ? 
# 
_exptl.absorpt_coefficient_mu     ? 
_exptl.absorpt_correction_T_max   ? 
_exptl.absorpt_correction_T_min   ? 
_exptl.absorpt_correction_type    ? 
_exptl.absorpt_process_details    ? 
_exptl.entry_id                   6N4P 
_exptl.crystals_number            1 
_exptl.details                    ? 
_exptl.method                     'X-RAY DIFFRACTION' 
_exptl.method_details             ? 
# 
_exptl_crystal.colour                      ? 
_exptl_crystal.density_diffrn              ? 
_exptl_crystal.density_Matthews            ? 
_exptl_crystal.density_method              ? 
_exptl_crystal.density_percent_sol         ? 
_exptl_crystal.description                 ? 
_exptl_crystal.F_000                       ? 
_exptl_crystal.id                          1 
_exptl_crystal.preparation                 ? 
_exptl_crystal.size_max                    ? 
_exptl_crystal.size_mid                    ? 
_exptl_crystal.size_min                    ? 
_exptl_crystal.size_rad                    ? 
_exptl_crystal.colour_lustre               ? 
_exptl_crystal.colour_modifier             ? 
_exptl_crystal.colour_primary              ? 
_exptl_crystal.density_meas                ? 
_exptl_crystal.density_meas_esd            ? 
_exptl_crystal.density_meas_gt             ? 
_exptl_crystal.density_meas_lt             ? 
_exptl_crystal.density_meas_temp           ? 
_exptl_crystal.density_meas_temp_esd       ? 
_exptl_crystal.density_meas_temp_gt        ? 
_exptl_crystal.density_meas_temp_lt        ? 
_exptl_crystal.pdbx_crystal_image_url      ? 
_exptl_crystal.pdbx_crystal_image_format   ? 
_exptl_crystal.pdbx_mosaicity              ? 
_exptl_crystal.pdbx_mosaicity_esd          ? 
# 
_exptl_crystal_grow.apparatus       ? 
_exptl_crystal_grow.atmosphere      ? 
_exptl_crystal_grow.crystal_id      1 
_exptl_crystal_grow.details         ? 
_exptl_crystal_grow.method          'VAPOR DIFFUSION, HANGING DROP' 
_exptl_crystal_grow.method_ref      ? 
_exptl_crystal_grow.pH              ? 
_exptl_crystal_grow.pressure        ? 
_exptl_crystal_grow.pressure_esd    ? 
_exptl_crystal_grow.seeding         ? 
_exptl_crystal_grow.seeding_ref     ? 
_exptl_crystal_grow.temp            291 
_exptl_crystal_grow.temp_details    ? 
_exptl_crystal_grow.temp_esd        ? 
_exptl_crystal_grow.time            ? 
_exptl_crystal_grow.pdbx_details    '0.2 M ammonium citrate dibasic, 30% PEG3350' 
_exptl_crystal_grow.pdbx_pH_range   ? 
# 
_diffrn.ambient_environment              ? 
_diffrn.ambient_temp                     100 
_diffrn.ambient_temp_details             ? 
_diffrn.ambient_temp_esd                 ? 
_diffrn.crystal_id                       1 
_diffrn.crystal_support                  ? 
_diffrn.crystal_treatment                ? 
_diffrn.details                          ? 
_diffrn.id                               1 
_diffrn.ambient_pressure                 ? 
_diffrn.ambient_pressure_esd             ? 
_diffrn.ambient_pressure_gt              ? 
_diffrn.ambient_pressure_lt              ? 
_diffrn.ambient_temp_gt                  ? 
_diffrn.ambient_temp_lt                  ? 
_diffrn.pdbx_serial_crystal_experiment   N 
# 
_diffrn_detector.details                      ? 
_diffrn_detector.detector                     PIXEL 
_diffrn_detector.diffrn_id                    1 
_diffrn_detector.type                         'DECTRIS EIGER X 16M' 
_diffrn_detector.area_resol_mean              ? 
_diffrn_detector.dtime                        ? 
_diffrn_detector.pdbx_frames_total            ? 
_diffrn_detector.pdbx_collection_time_total   ? 
_diffrn_detector.pdbx_collection_date         2017-07-18 
_diffrn_detector.pdbx_frequency               ? 
# 
_diffrn_radiation.collimation                      ? 
_diffrn_radiation.diffrn_id                        1 
_diffrn_radiation.filter_edge                      ? 
_diffrn_radiation.inhomogeneity                    ? 
_diffrn_radiation.monochromator                    ? 
_diffrn_radiation.polarisn_norm                    ? 
_diffrn_radiation.polarisn_ratio                   ? 
_diffrn_radiation.probe                            ? 
_diffrn_radiation.type                             ? 
_diffrn_radiation.xray_symbol                      ? 
_diffrn_radiation.wavelength_id                    1 
_diffrn_radiation.pdbx_monochromatic_or_laue_m_l   M 
_diffrn_radiation.pdbx_wavelength_list             ? 
_diffrn_radiation.pdbx_wavelength                  ? 
_diffrn_radiation.pdbx_diffrn_protocol             'SINGLE WAVELENGTH' 
_diffrn_radiation.pdbx_analyzer                    ? 
_diffrn_radiation.pdbx_scattering_type             x-ray 
# 
_diffrn_radiation_wavelength.id           1 
_diffrn_radiation_wavelength.wavelength   0.97 
_diffrn_radiation_wavelength.wt           1.0 
# 
_diffrn_source.current                     ? 
_diffrn_source.details                     ? 
_diffrn_source.diffrn_id                   1 
_diffrn_source.power                       ? 
_diffrn_source.size                        ? 
_diffrn_source.source                      SYNCHROTRON 
_diffrn_source.target                      ? 
_diffrn_source.type                        'APS BEAMLINE 24-ID-E' 
_diffrn_source.voltage                     ? 
_diffrn_source.take-off_angle              ? 
_diffrn_source.pdbx_wavelength_list        0.97 
_diffrn_source.pdbx_wavelength             ? 
_diffrn_source.pdbx_synchrotron_beamline   24-ID-E 
_diffrn_source.pdbx_synchrotron_site       APS 
# 
_reflns.B_iso_Wilson_estimate            14.780 
_reflns.entry_id                         6N4P 
_reflns.data_reduction_details           ? 
_reflns.data_reduction_method            ? 
_reflns.d_resolution_high                1.850 
_reflns.d_resolution_low                 24.639 
_reflns.details                          ? 
_reflns.limit_h_max                      ? 
_reflns.limit_h_min                      ? 
_reflns.limit_k_max                      ? 
_reflns.limit_k_min                      ? 
_reflns.limit_l_max                      ? 
_reflns.limit_l_min                      ? 
_reflns.number_all                       ? 
_reflns.number_obs                       843 
_reflns.observed_criterion               ? 
_reflns.observed_criterion_F_max         ? 
_reflns.observed_criterion_F_min         ? 
_reflns.observed_criterion_I_max         ? 
_reflns.observed_criterion_I_min         ? 
_reflns.observed_criterion_sigma_F       ? 
_reflns.observed_criterion_sigma_I       ? 
_reflns.percent_possible_obs             97.800 
_reflns.R_free_details                   ? 
_reflns.Rmerge_F_all                     ? 
_reflns.Rmerge_F_obs                     ? 
_reflns.Friedel_coverage                 ? 
_reflns.number_gt                        ? 
_reflns.threshold_expression             ? 
_reflns.pdbx_redundancy                  2.868 
_reflns.pdbx_Rmerge_I_obs                0.160 
_reflns.pdbx_Rmerge_I_all                ? 
_reflns.pdbx_Rsym_value                  ? 
_reflns.pdbx_netI_over_av_sigmaI         ? 
_reflns.pdbx_netI_over_sigmaI            4.160 
_reflns.pdbx_res_netI_over_av_sigmaI_2   ? 
_reflns.pdbx_res_netI_over_sigmaI_2      ? 
_reflns.pdbx_chi_squared                 0.920 
_reflns.pdbx_scaling_rejects             ? 
_reflns.pdbx_d_res_high_opt              ? 
_reflns.pdbx_d_res_low_opt               ? 
_reflns.pdbx_d_res_opt_method            ? 
_reflns.phase_calculation_details        ? 
_reflns.pdbx_Rrim_I_all                  0.196 
_reflns.pdbx_Rpim_I_all                  ? 
_reflns.pdbx_d_opt                       ? 
_reflns.pdbx_number_measured_all         ? 
_reflns.pdbx_diffrn_id                   1 
_reflns.pdbx_ordinal                     1 
_reflns.pdbx_CC_half                     0.971 
_reflns.pdbx_R_split                     ? 
# 
loop_
_reflns_shell.d_res_high 
_reflns_shell.d_res_low 
_reflns_shell.meanI_over_sigI_all 
_reflns_shell.meanI_over_sigI_obs 
_reflns_shell.number_measured_all 
_reflns_shell.number_measured_obs 
_reflns_shell.number_possible 
_reflns_shell.number_unique_all 
_reflns_shell.number_unique_obs 
_reflns_shell.percent_possible_all 
_reflns_shell.percent_possible_obs 
_reflns_shell.Rmerge_F_all 
_reflns_shell.Rmerge_F_obs 
_reflns_shell.Rmerge_I_all 
_reflns_shell.Rmerge_I_obs 
_reflns_shell.meanI_over_sigI_gt 
_reflns_shell.meanI_over_uI_all 
_reflns_shell.meanI_over_uI_gt 
_reflns_shell.number_measured_gt 
_reflns_shell.number_unique_gt 
_reflns_shell.percent_possible_gt 
_reflns_shell.Rmerge_F_gt 
_reflns_shell.Rmerge_I_gt 
_reflns_shell.pdbx_redundancy 
_reflns_shell.pdbx_Rsym_value 
_reflns_shell.pdbx_chi_squared 
_reflns_shell.pdbx_netI_over_sigmaI_all 
_reflns_shell.pdbx_netI_over_sigmaI_obs 
_reflns_shell.pdbx_Rrim_I_all 
_reflns_shell.pdbx_Rpim_I_all 
_reflns_shell.pdbx_rejects 
_reflns_shell.pdbx_ordinal 
_reflns_shell.pdbx_diffrn_id 
_reflns_shell.pdbx_CC_half 
_reflns_shell.pdbx_R_split 
1.850 1.980  ? 1.940 ? ? ? ? 147 99.300 ? ? ? ? 0.356 ? ? ? ? ? ? ? ? 2.932 ? ? ? ? 0.430 ? ? 1 1 0.948 ? 
1.980 2.140  ? 2.980 ? ? ? ? 135 97.800 ? ? ? ? 0.278 ? ? ? ? ? ? ? ? 2.941 ? ? ? ? 0.339 ? ? 2 1 0.940 ? 
2.140 2.340  ? 3.550 ? ? ? ? 132 97.800 ? ? ? ? 0.208 ? ? ? ? ? ? ? ? 2.826 ? ? ? ? 0.253 ? ? 3 1 0.950 ? 
2.340 2.620  ? 3.940 ? ? ? ? 116 97.500 ? ? ? ? 0.235 ? ? ? ? ? ? ? ? 2.828 ? ? ? ? 0.292 ? ? 4 1 0.948 ? 
2.620 3.020  ? 4.990 ? ? ? ? 101 96.200 ? ? ? ? 0.171 ? ? ? ? ? ? ? ? 2.980 ? ? ? ? 0.208 ? ? 5 1 0.973 ? 
3.020 3.700  ? 6.450 ? ? ? ? 95  99.000 ? ? ? ? 0.130 ? ? ? ? ? ? ? ? 2.916 ? ? ? ? 0.160 ? ? 6 1 0.981 ? 
3.700 5.240  ? 7.010 ? ? ? ? 75  98.700 ? ? ? ? 0.112 ? ? ? ? ? ? ? ? 2.600 ? ? ? ? 0.137 ? ? 7 1 0.978 ? 
5.240 24.639 ? 6.050 ? ? ? ? 42  93.300 ? ? ? ? 0.106 ? ? ? ? ? ? ? ? 2.762 ? ? ? ? 0.140 ? ? 8 1 0.983 ? 
# 
_refine.aniso_B[1][1]                            ? 
_refine.aniso_B[1][2]                            ? 
_refine.aniso_B[1][3]                            ? 
_refine.aniso_B[2][2]                            ? 
_refine.aniso_B[2][3]                            ? 
_refine.aniso_B[3][3]                            ? 
_refine.B_iso_max                                54.330 
_refine.B_iso_mean                               21.9015 
_refine.B_iso_min                                10.280 
_refine.correlation_coeff_Fo_to_Fc               ? 
_refine.correlation_coeff_Fo_to_Fc_free          ? 
_refine.details                                  ? 
_refine.diff_density_max                         ? 
_refine.diff_density_max_esd                     ? 
_refine.diff_density_min                         ? 
_refine.diff_density_min_esd                     ? 
_refine.diff_density_rms                         ? 
_refine.diff_density_rms_esd                     ? 
_refine.entry_id                                 6N4P 
_refine.pdbx_refine_id                           'X-RAY DIFFRACTION' 
_refine.ls_abs_structure_details                 ? 
_refine.ls_abs_structure_Flack                   ? 
_refine.ls_abs_structure_Flack_esd               ? 
_refine.ls_abs_structure_Rogers                  ? 
_refine.ls_abs_structure_Rogers_esd              ? 
_refine.ls_d_res_high                            1.8510 
_refine.ls_d_res_low                             24.6390 
_refine.ls_extinction_coef                       ? 
_refine.ls_extinction_coef_esd                   ? 
_refine.ls_extinction_expression                 ? 
_refine.ls_extinction_method                     ? 
_refine.ls_goodness_of_fit_all                   ? 
_refine.ls_goodness_of_fit_all_esd               ? 
_refine.ls_goodness_of_fit_obs                   ? 
_refine.ls_goodness_of_fit_obs_esd               ? 
_refine.ls_hydrogen_treatment                    ? 
_refine.ls_matrix_type                           ? 
_refine.ls_number_constraints                    ? 
_refine.ls_number_parameters                     ? 
_refine.ls_number_reflns_all                     ? 
_refine.ls_number_reflns_obs                     839 
_refine.ls_number_reflns_R_free                  85 
_refine.ls_number_reflns_R_work                  ? 
_refine.ls_number_restraints                     ? 
_refine.ls_percent_reflns_obs                    97.3300 
_refine.ls_percent_reflns_R_free                 10.1300 
_refine.ls_R_factor_all                          ? 
_refine.ls_R_factor_obs                          0.2012 
_refine.ls_R_factor_R_free                       0.2687 
_refine.ls_R_factor_R_free_error                 ? 
_refine.ls_R_factor_R_free_error_details         ? 
_refine.ls_R_factor_R_work                       0.1934 
_refine.ls_R_Fsqd_factor_obs                     ? 
_refine.ls_R_I_factor_obs                        ? 
_refine.ls_redundancy_reflns_all                 ? 
_refine.ls_redundancy_reflns_obs                 ? 
_refine.ls_restrained_S_all                      ? 
_refine.ls_restrained_S_obs                      ? 
_refine.ls_shift_over_esd_max                    ? 
_refine.ls_shift_over_esd_mean                   ? 
_refine.ls_structure_factor_coef                 ? 
_refine.ls_weighting_details                     ? 
_refine.ls_weighting_scheme                      ? 
_refine.ls_wR_factor_all                         ? 
_refine.ls_wR_factor_obs                         ? 
_refine.ls_wR_factor_R_free                      ? 
_refine.ls_wR_factor_R_work                      ? 
_refine.occupancy_max                            ? 
_refine.occupancy_min                            ? 
_refine.solvent_model_details                    ? 
_refine.solvent_model_param_bsol                 ? 
_refine.solvent_model_param_ksol                 ? 
_refine.ls_R_factor_gt                           ? 
_refine.ls_goodness_of_fit_gt                    ? 
_refine.ls_goodness_of_fit_ref                   ? 
_refine.ls_shift_over_su_max                     ? 
_refine.ls_shift_over_su_max_lt                  ? 
_refine.ls_shift_over_su_mean                    ? 
_refine.ls_shift_over_su_mean_lt                 ? 
_refine.pdbx_ls_sigma_I                          ? 
_refine.pdbx_ls_sigma_F                          1.390 
_refine.pdbx_ls_sigma_Fsqd                       ? 
_refine.pdbx_data_cutoff_high_absF               ? 
_refine.pdbx_data_cutoff_high_rms_absF           ? 
_refine.pdbx_data_cutoff_low_absF                ? 
_refine.pdbx_isotropic_thermal_model             ? 
_refine.pdbx_ls_cross_valid_method               THROUGHOUT 
_refine.pdbx_method_to_determine_struct          'MOLECULAR REPLACEMENT' 
_refine.pdbx_starting_model                      '6-residue idealized beta sheet' 
_refine.pdbx_stereochemistry_target_values       ? 
_refine.pdbx_R_Free_selection_details            ? 
_refine.pdbx_stereochem_target_val_spec_case     ? 
_refine.pdbx_overall_ESU_R                       ? 
_refine.pdbx_overall_ESU_R_Free                  ? 
_refine.pdbx_solvent_vdw_probe_radii             1.1100 
_refine.pdbx_solvent_ion_probe_radii             ? 
_refine.pdbx_solvent_shrinkage_radii             0.9000 
_refine.pdbx_real_space_R                        ? 
_refine.pdbx_density_correlation                 ? 
_refine.pdbx_pd_number_of_powder_patterns        ? 
_refine.pdbx_pd_number_of_points                 ? 
_refine.pdbx_pd_meas_number_of_points            ? 
_refine.pdbx_pd_proc_ls_prof_R_factor            ? 
_refine.pdbx_pd_proc_ls_prof_wR_factor           ? 
_refine.pdbx_pd_Marquardt_correlation_coeff      ? 
_refine.pdbx_pd_Fsqrd_R_factor                   ? 
_refine.pdbx_pd_ls_matrix_band_width             ? 
_refine.pdbx_overall_phase_error                 19.2800 
_refine.pdbx_overall_SU_R_free_Cruickshank_DPI   ? 
_refine.pdbx_overall_SU_R_free_Blow_DPI          ? 
_refine.pdbx_overall_SU_R_Blow_DPI               ? 
_refine.pdbx_TLS_residual_ADP_flag               ? 
_refine.pdbx_diffrn_id                           1 
_refine.overall_SU_B                             ? 
_refine.overall_SU_ML                            0.1500 
_refine.overall_SU_R_Cruickshank_DPI             ? 
_refine.overall_SU_R_free                        ? 
_refine.overall_FOM_free_R_set                   ? 
_refine.overall_FOM_work_R_set                   ? 
_refine.pdbx_average_fsc_overall                 ? 
_refine.pdbx_average_fsc_work                    ? 
_refine.pdbx_average_fsc_free                    ? 
# 
_refine_hist.cycle_id                         final 
_refine_hist.pdbx_refine_id                   'X-RAY DIFFRACTION' 
_refine_hist.d_res_high                       1.8510 
_refine_hist.d_res_low                        24.6390 
_refine_hist.pdbx_number_atoms_ligand         0 
_refine_hist.number_atoms_solvent             4 
_refine_hist.number_atoms_total               118 
_refine_hist.pdbx_number_residues_total       12 
_refine_hist.pdbx_B_iso_mean_solvent          32.54 
_refine_hist.pdbx_number_atoms_protein        114 
_refine_hist.pdbx_number_atoms_nucleic_acid   0 
# 
_refine_ls_shell.pdbx_refine_id                   'X-RAY DIFFRACTION' 
_refine_ls_shell.d_res_high                       1.8515 
_refine_ls_shell.d_res_low                        1.918 
_refine_ls_shell.number_reflns_all                839 
_refine_ls_shell.number_reflns_obs                ? 
_refine_ls_shell.number_reflns_R_free             85 
_refine_ls_shell.number_reflns_R_work             754 
_refine_ls_shell.percent_reflns_obs               97.0000 
_refine_ls_shell.percent_reflns_R_free            ? 
_refine_ls_shell.R_factor_all                     ? 
_refine_ls_shell.R_factor_obs                     ? 
_refine_ls_shell.R_factor_R_free                  ? 
_refine_ls_shell.R_factor_R_free_error            0.0000 
_refine_ls_shell.R_factor_R_work                  ? 
_refine_ls_shell.redundancy_reflns_all            ? 
_refine_ls_shell.redundancy_reflns_obs            ? 
_refine_ls_shell.wR_factor_all                    ? 
_refine_ls_shell.wR_factor_obs                    ? 
_refine_ls_shell.wR_factor_R_free                 ? 
_refine_ls_shell.wR_factor_R_work                 ? 
_refine_ls_shell.pdbx_total_number_of_bins_used   1 
_refine_ls_shell.pdbx_phase_error                 ? 
_refine_ls_shell.pdbx_fsc_work                    ? 
_refine_ls_shell.pdbx_fsc_free                    ? 
# 
_struct.entry_id                     6N4P 
_struct.title                        'RQEFEV, crystal structure of the N-terminal segment RQEFEV from protein tau' 
_struct.pdbx_model_details           ? 
_struct.pdbx_formula_weight          ? 
_struct.pdbx_formula_weight_method   ? 
_struct.pdbx_model_type_details      ? 
_struct.pdbx_CASP_flag               N 
# 
_struct_keywords.entry_id        6N4P 
_struct_keywords.text            
;Amyloid, tau, Alzheimer's Disease, tauopathy, MAPT, PROTEIN FIBRIL
;
_struct_keywords.pdbx_keywords   'PROTEIN FIBRIL' 
# 
loop_
_struct_asym.id 
_struct_asym.pdbx_blank_PDB_chainid_flag 
_struct_asym.pdbx_modified 
_struct_asym.entity_id 
_struct_asym.details 
A N N 1 ? 
B N N 1 ? 
C N N 2 ? 
D N N 2 ? 
# 
_struct_ref.id                         1 
_struct_ref.db_name                    UNP 
_struct_ref.db_code                    TAU_HUMAN 
_struct_ref.pdbx_db_accession          P10636 
_struct_ref.pdbx_db_isoform            ? 
_struct_ref.entity_id                  1 
_struct_ref.pdbx_seq_one_letter_code   RQEFEV 
_struct_ref.pdbx_align_begin           5 
# 
loop_
_struct_ref_seq.align_id 
_struct_ref_seq.ref_id 
_struct_ref_seq.pdbx_PDB_id_code 
_struct_ref_seq.pdbx_strand_id 
_struct_ref_seq.seq_align_beg 
_struct_ref_seq.pdbx_seq_align_beg_ins_code 
_struct_ref_seq.seq_align_end 
_struct_ref_seq.pdbx_seq_align_end_ins_code 
_struct_ref_seq.pdbx_db_accession 
_struct_ref_seq.db_align_beg 
_struct_ref_seq.pdbx_db_align_beg_ins_code 
_struct_ref_seq.db_align_end 
_struct_ref_seq.pdbx_db_align_end_ins_code 
_struct_ref_seq.pdbx_auth_seq_align_beg 
_struct_ref_seq.pdbx_auth_seq_align_end 
1 1 6N4P A 1 ? 6 ? P10636 5 ? 10 ? 1 6 
2 1 6N4P C 1 ? 6 ? P10636 5 ? 10 ? 1 6 
# 
_pdbx_struct_assembly.id                   1 
_pdbx_struct_assembly.details              author_defined_assembly 
_pdbx_struct_assembly.method_details       ? 
_pdbx_struct_assembly.oligomeric_details   hexameric 
_pdbx_struct_assembly.oligomeric_count     6 
# 
loop_
_pdbx_struct_assembly_gen.assembly_id 
_pdbx_struct_assembly_gen.oper_expression 
_pdbx_struct_assembly_gen.asym_id_list 
1 1 A,B,C,D 
1 2 A,B,C,D 
1 3 A,B,C,D 
# 
_pdbx_struct_assembly_auth_evidence.id                     1 
_pdbx_struct_assembly_auth_evidence.assembly_id            1 
_pdbx_struct_assembly_auth_evidence.experimental_support   none 
_pdbx_struct_assembly_auth_evidence.details                ? 
# 
loop_
_pdbx_struct_oper_list.id 
_pdbx_struct_oper_list.type 
_pdbx_struct_oper_list.name 
_pdbx_struct_oper_list.symmetry_operation 
_pdbx_struct_oper_list.matrix[1][1] 
_pdbx_struct_oper_list.matrix[1][2] 
_pdbx_struct_oper_list.matrix[1][3] 
_pdbx_struct_oper_list.vector[1] 
_pdbx_struct_oper_list.matrix[2][1] 
_pdbx_struct_oper_list.matrix[2][2] 
_pdbx_struct_oper_list.matrix[2][3] 
_pdbx_struct_oper_list.vector[2] 
_pdbx_struct_oper_list.matrix[3][1] 
_pdbx_struct_oper_list.matrix[3][2] 
_pdbx_struct_oper_list.matrix[3][3] 
_pdbx_struct_oper_list.vector[3] 
1 'identity operation'         1_555 x,y,z   1.0000000000 0.0000000000 0.0000000000 0.0000000000   0.0000000000 1.0000000000 0.0000000000 0.0000000000 0.0000000000 0.0000000000 1.0000000000 0.0000000000  
2 'crystal symmetry operation' 1_565 x,y+1,z 1.0000000000 0.0000000000 0.0000000000 -10.9194327483 0.0000000000 1.0000000000 0.0000000000 2.8810494364 0.0000000000 0.0000000000 1.0000000000 -1.8889263086 
3 'crystal symmetry operation' 1_575 x,y+2,z 1.0000000000 0.0000000000 0.0000000000 -21.8388654967 0.0000000000 1.0000000000 0.0000000000 5.7620988728 0.0000000000 0.0000000000 1.0000000000 -3.7778526172 
# 
_struct_sheet.id               AA1 
_struct_sheet.type             ? 
_struct_sheet.number_strands   2 
_struct_sheet.details          ? 
# 
_struct_sheet_order.sheet_id     AA1 
_struct_sheet_order.range_id_1   1 
_struct_sheet_order.range_id_2   2 
_struct_sheet_order.offset       ? 
_struct_sheet_order.sense        anti-parallel 
# 
loop_
_struct_sheet_range.sheet_id 
_struct_sheet_range.id 
_struct_sheet_range.beg_label_comp_id 
_struct_sheet_range.beg_label_asym_id 
_struct_sheet_range.beg_label_seq_id 
_struct_sheet_range.pdbx_beg_PDB_ins_code 
_struct_sheet_range.end_label_comp_id 
_struct_sheet_range.end_label_asym_id 
_struct_sheet_range.end_label_seq_id 
_struct_sheet_range.pdbx_end_PDB_ins_code 
_struct_sheet_range.beg_auth_comp_id 
_struct_sheet_range.beg_auth_asym_id 
_struct_sheet_range.beg_auth_seq_id 
_struct_sheet_range.end_auth_comp_id 
_struct_sheet_range.end_auth_asym_id 
_struct_sheet_range.end_auth_seq_id 
AA1 1 GLU A 3 ? GLU A 5 ? GLU A 3 GLU A 5 
AA1 2 GLU B 3 ? GLU B 5 ? GLU C 3 GLU C 5 
# 
_pdbx_struct_sheet_hbond.sheet_id                AA1 
_pdbx_struct_sheet_hbond.range_id_1              1 
_pdbx_struct_sheet_hbond.range_id_2              2 
_pdbx_struct_sheet_hbond.range_1_label_atom_id   N 
_pdbx_struct_sheet_hbond.range_1_label_comp_id   GLU 
_pdbx_struct_sheet_hbond.range_1_label_asym_id   A 
_pdbx_struct_sheet_hbond.range_1_label_seq_id    5 
_pdbx_struct_sheet_hbond.range_1_PDB_ins_code    ? 
_pdbx_struct_sheet_hbond.range_1_auth_atom_id    N 
_pdbx_struct_sheet_hbond.range_1_auth_comp_id    GLU 
_pdbx_struct_sheet_hbond.range_1_auth_asym_id    A 
_pdbx_struct_sheet_hbond.range_1_auth_seq_id     5 
_pdbx_struct_sheet_hbond.range_2_label_atom_id   O 
_pdbx_struct_sheet_hbond.range_2_label_comp_id   GLU 
_pdbx_struct_sheet_hbond.range_2_label_asym_id   B 
_pdbx_struct_sheet_hbond.range_2_label_seq_id    3 
_pdbx_struct_sheet_hbond.range_2_PDB_ins_code    ? 
_pdbx_struct_sheet_hbond.range_2_auth_atom_id    O 
_pdbx_struct_sheet_hbond.range_2_auth_comp_id    GLU 
_pdbx_struct_sheet_hbond.range_2_auth_asym_id    C 
_pdbx_struct_sheet_hbond.range_2_auth_seq_id     3 
# 
loop_
_chem_comp_atom.comp_id 
_chem_comp_atom.atom_id 
_chem_comp_atom.type_symbol 
_chem_comp_atom.pdbx_aromatic_flag 
_chem_comp_atom.pdbx_stereo_config 
_chem_comp_atom.pdbx_ordinal 
ARG N    N N N 1   
ARG CA   C N S 2   
ARG C    C N N 3   
ARG O    O N N 4   
ARG CB   C N N 5   
ARG CG   C N N 6   
ARG CD   C N N 7   
ARG NE   N N N 8   
ARG CZ   C N N 9   
ARG NH1  N N N 10  
ARG NH2  N N N 11  
ARG OXT  O N N 12  
ARG H    H N N 13  
ARG H2   H N N 14  
ARG HA   H N N 15  
ARG HB2  H N N 16  
ARG HB3  H N N 17  
ARG HG2  H N N 18  
ARG HG3  H N N 19  
ARG HD2  H N N 20  
ARG HD3  H N N 21  
ARG HE   H N N 22  
ARG HH11 H N N 23  
ARG HH12 H N N 24  
ARG HH21 H N N 25  
ARG HH22 H N N 26  
ARG HXT  H N N 27  
GLN N    N N N 28  
GLN CA   C N S 29  
GLN C    C N N 30  
GLN O    O N N 31  
GLN CB   C N N 32  
GLN CG   C N N 33  
GLN CD   C N N 34  
GLN OE1  O N N 35  
GLN NE2  N N N 36  
GLN OXT  O N N 37  
GLN H    H N N 38  
GLN H2   H N N 39  
GLN HA   H N N 40  
GLN HB2  H N N 41  
GLN HB3  H N N 42  
GLN HG2  H N N 43  
GLN HG3  H N N 44  
GLN HE21 H N N 45  
GLN HE22 H N N 46  
GLN HXT  H N N 47  
GLU N    N N N 48  
GLU CA   C N S 49  
GLU C    C N N 50  
GLU O    O N N 51  
GLU CB   C N N 52  
GLU CG   C N N 53  
GLU CD   C N N 54  
GLU OE1  O N N 55  
GLU OE2  O N N 56  
GLU OXT  O N N 57  
GLU H    H N N 58  
GLU H2   H N N 59  
GLU HA   H N N 60  
GLU HB2  H N N 61  
GLU HB3  H N N 62  
GLU HG2  H N N 63  
GLU HG3  H N N 64  
GLU HE2  H N N 65  
GLU HXT  H N N 66  
HOH O    O N N 67  
HOH H1   H N N 68  
HOH H2   H N N 69  
PHE N    N N N 70  
PHE CA   C N S 71  
PHE C    C N N 72  
PHE O    O N N 73  
PHE CB   C N N 74  
PHE CG   C Y N 75  
PHE CD1  C Y N 76  
PHE CD2  C Y N 77  
PHE CE1  C Y N 78  
PHE CE2  C Y N 79  
PHE CZ   C Y N 80  
PHE OXT  O N N 81  
PHE H    H N N 82  
PHE H2   H N N 83  
PHE HA   H N N 84  
PHE HB2  H N N 85  
PHE HB3  H N N 86  
PHE HD1  H N N 87  
PHE HD2  H N N 88  
PHE HE1  H N N 89  
PHE HE2  H N N 90  
PHE HZ   H N N 91  
PHE HXT  H N N 92  
VAL N    N N N 93  
VAL CA   C N S 94  
VAL C    C N N 95  
VAL O    O N N 96  
VAL CB   C N N 97  
VAL CG1  C N N 98  
VAL CG2  C N N 99  
VAL OXT  O N N 100 
VAL H    H N N 101 
VAL H2   H N N 102 
VAL HA   H N N 103 
VAL HB   H N N 104 
VAL HG11 H N N 105 
VAL HG12 H N N 106 
VAL HG13 H N N 107 
VAL HG21 H N N 108 
VAL HG22 H N N 109 
VAL HG23 H N N 110 
VAL HXT  H N N 111 
# 
loop_
_chem_comp_bond.comp_id 
_chem_comp_bond.atom_id_1 
_chem_comp_bond.atom_id_2 
_chem_comp_bond.value_order 
_chem_comp_bond.pdbx_aromatic_flag 
_chem_comp_bond.pdbx_stereo_config 
_chem_comp_bond.pdbx_ordinal 
ARG N   CA   sing N N 1   
ARG N   H    sing N N 2   
ARG N   H2   sing N N 3   
ARG CA  C    sing N N 4   
ARG CA  CB   sing N N 5   
ARG CA  HA   sing N N 6   
ARG C   O    doub N N 7   
ARG C   OXT  sing N N 8   
ARG CB  CG   sing N N 9   
ARG CB  HB2  sing N N 10  
ARG CB  HB3  sing N N 11  
ARG CG  CD   sing N N 12  
ARG CG  HG2  sing N N 13  
ARG CG  HG3  sing N N 14  
ARG CD  NE   sing N N 15  
ARG CD  HD2  sing N N 16  
ARG CD  HD3  sing N N 17  
ARG NE  CZ   sing N N 18  
ARG NE  HE   sing N N 19  
ARG CZ  NH1  sing N N 20  
ARG CZ  NH2  doub N N 21  
ARG NH1 HH11 sing N N 22  
ARG NH1 HH12 sing N N 23  
ARG NH2 HH21 sing N N 24  
ARG NH2 HH22 sing N N 25  
ARG OXT HXT  sing N N 26  
GLN N   CA   sing N N 27  
GLN N   H    sing N N 28  
GLN N   H2   sing N N 29  
GLN CA  C    sing N N 30  
GLN CA  CB   sing N N 31  
GLN CA  HA   sing N N 32  
GLN C   O    doub N N 33  
GLN C   OXT  sing N N 34  
GLN CB  CG   sing N N 35  
GLN CB  HB2  sing N N 36  
GLN CB  HB3  sing N N 37  
GLN CG  CD   sing N N 38  
GLN CG  HG2  sing N N 39  
GLN CG  HG3  sing N N 40  
GLN CD  OE1  doub N N 41  
GLN CD  NE2  sing N N 42  
GLN NE2 HE21 sing N N 43  
GLN NE2 HE22 sing N N 44  
GLN OXT HXT  sing N N 45  
GLU N   CA   sing N N 46  
GLU N   H    sing N N 47  
GLU N   H2   sing N N 48  
GLU CA  C    sing N N 49  
GLU CA  CB   sing N N 50  
GLU CA  HA   sing N N 51  
GLU C   O    doub N N 52  
GLU C   OXT  sing N N 53  
GLU CB  CG   sing N N 54  
GLU CB  HB2  sing N N 55  
GLU CB  HB3  sing N N 56  
GLU CG  CD   sing N N 57  
GLU CG  HG2  sing N N 58  
GLU CG  HG3  sing N N 59  
GLU CD  OE1  doub N N 60  
GLU CD  OE2  sing N N 61  
GLU OE2 HE2  sing N N 62  
GLU OXT HXT  sing N N 63  
HOH O   H1   sing N N 64  
HOH O   H2   sing N N 65  
PHE N   CA   sing N N 66  
PHE N   H    sing N N 67  
PHE N   H2   sing N N 68  
PHE CA  C    sing N N 69  
PHE CA  CB   sing N N 70  
PHE CA  HA   sing N N 71  
PHE C   O    doub N N 72  
PHE C   OXT  sing N N 73  
PHE CB  CG   sing N N 74  
PHE CB  HB2  sing N N 75  
PHE CB  HB3  sing N N 76  
PHE CG  CD1  doub Y N 77  
PHE CG  CD2  sing Y N 78  
PHE CD1 CE1  sing Y N 79  
PHE CD1 HD1  sing N N 80  
PHE CD2 CE2  doub Y N 81  
PHE CD2 HD2  sing N N 82  
PHE CE1 CZ   doub Y N 83  
PHE CE1 HE1  sing N N 84  
PHE CE2 CZ   sing Y N 85  
PHE CE2 HE2  sing N N 86  
PHE CZ  HZ   sing N N 87  
PHE OXT HXT  sing N N 88  
VAL N   CA   sing N N 89  
VAL N   H    sing N N 90  
VAL N   H2   sing N N 91  
VAL CA  C    sing N N 92  
VAL CA  CB   sing N N 93  
VAL CA  HA   sing N N 94  
VAL C   O    doub N N 95  
VAL C   OXT  sing N N 96  
VAL CB  CG1  sing N N 97  
VAL CB  CG2  sing N N 98  
VAL CB  HB   sing N N 99  
VAL CG1 HG11 sing N N 100 
VAL CG1 HG12 sing N N 101 
VAL CG1 HG13 sing N N 102 
VAL CG2 HG21 sing N N 103 
VAL CG2 HG22 sing N N 104 
VAL CG2 HG23 sing N N 105 
VAL OXT HXT  sing N N 106 
# 
_pdbx_audit_support.funding_organization   'National Institutes of Health/National Institute on Aging (NIH/NIA)' 
_pdbx_audit_support.country                'United States' 
_pdbx_audit_support.grant_number           AG054022 
_pdbx_audit_support.ordinal                1 
# 
_pdbx_initial_refinement_model.accession_code   ? 
_pdbx_initial_refinement_model.id               1 
_pdbx_initial_refinement_model.entity_id_list   ? 
_pdbx_initial_refinement_model.type             'in silico model' 
_pdbx_initial_refinement_model.source_name      Other 
_pdbx_initial_refinement_model.details          '6-residue idealized beta sheet' 
# 
_atom_sites.entry_id                    6N4P 
_atom_sites.fract_transf_matrix[1][1]   0.01745230 
_atom_sites.fract_transf_matrix[1][2]   0.03396699 
_atom_sites.fract_transf_matrix[1][3]   -0.04908007 
_atom_sites.fract_transf_matrix[2][1]   -0.08328905 
_atom_sites.fract_transf_matrix[2][2]   0.02197549 
_atom_sites.fract_transf_matrix[2][3]   -0.01440797 
_atom_sites.fract_transf_matrix[3][1]   0.00706841 
_atom_sites.fract_transf_matrix[3][2]   0.03688168 
_atom_sites.fract_transf_matrix[3][3]   0.01539226 
_atom_sites.fract_transf_vector[1]      1.155721 
_atom_sites.fract_transf_vector[2]      -0.095444 
_atom_sites.fract_transf_vector[3]      0.291295 
# 
loop_
_atom_type.symbol 
C 
N 
O 
# 
loop_
_atom_site.group_PDB 
_atom_site.id 
_atom_site.type_symbol 
_atom_site.label_atom_id 
_atom_site.label_alt_id 
_atom_site.label_comp_id 
_atom_site.label_asym_id 
_atom_site.label_entity_id 
_atom_site.label_seq_id 
_atom_site.pdbx_PDB_ins_code 
_atom_site.Cartn_x 
_atom_site.Cartn_y 
_atom_site.Cartn_z 
_atom_site.occupancy 
_atom_site.B_iso_or_equiv 
_atom_site.pdbx_formal_charge 
_atom_site.auth_seq_id 
_atom_site.auth_comp_id 
_atom_site.auth_asym_id 
_atom_site.auth_atom_id 
_atom_site.pdbx_PDB_model_num 
ATOM   1   N N   . ARG A 1 1 ? 4.755  -6.697 6.683  1.00 14.81 ? 1   ARG A N   1 
ATOM   2   C CA  . ARG A 1 1 ? 5.377  -5.842 5.674  1.00 21.60 ? 1   ARG A CA  1 
ATOM   3   C C   . ARG A 1 1 ? 4.484  -4.668 5.269  1.00 21.08 ? 1   ARG A C   1 
ATOM   4   O O   . ARG A 1 1 ? 3.316  -4.856 4.930  1.00 20.45 ? 1   ARG A O   1 
ATOM   5   C CB  . ARG A 1 1 ? 5.804  -6.662 4.431  1.00 23.83 ? 1   ARG A CB  1 
ATOM   6   C CG  . ARG A 1 1 ? 6.503  -5.836 3.331  1.00 20.21 ? 1   ARG A CG  1 
ATOM   7   C CD  . ARG A 1 1 ? 7.121  -6.673 2.240  1.00 26.28 ? 1   ARG A CD  1 
ATOM   8   N NE  . ARG A 1 1 ? 6.129  -7.441 1.482  1.00 31.25 ? 1   ARG A NE  1 
ATOM   9   C CZ  . ARG A 1 1 ? 6.427  -8.392 0.601  1.00 31.53 ? 1   ARG A CZ  1 
ATOM   10  N NH1 . ARG A 1 1 ? 7.691  -8.708 0.355  1.00 31.96 ? 1   ARG A NH1 1 
ATOM   11  N NH2 . ARG A 1 1 ? 5.464  -9.043 -0.030 1.00 32.44 ? 1   ARG A NH2 1 
ATOM   12  N N   . GLN A 1 2 ? 5.045  -3.462 5.261  1.00 16.46 ? 2   GLN A N   1 
ATOM   13  C CA  . GLN A 1 2 ? 4.295  -2.311 4.794  1.00 15.13 ? 2   GLN A CA  1 
ATOM   14  C C   . GLN A 1 2 ? 4.351  -2.241 3.252  1.00 11.80 ? 2   GLN A C   1 
ATOM   15  O O   . GLN A 1 2 ? 5.382  -2.533 2.652  1.00 13.15 ? 2   GLN A O   1 
ATOM   16  C CB  . GLN A 1 2 ? 4.838  -1.017 5.448  1.00 16.04 ? 2   GLN A CB  1 
ATOM   17  C CG  . GLN A 1 2 ? 4.199  0.277  4.893  1.00 14.68 ? 2   GLN A CG  1 
ATOM   18  C CD  . GLN A 1 2 ? 4.982  0.857  3.731  1.00 13.12 ? 2   GLN A CD  1 
ATOM   19  O OE1 . GLN A 1 2 ? 6.184  0.625  3.605  1.00 12.76 ? 2   GLN A OE1 1 
ATOM   20  N NE2 . GLN A 1 2 ? 4.316  1.552  2.810  1.00 16.83 ? 2   GLN A NE2 1 
ATOM   21  N N   . GLU A 1 3 ? 3.259  -1.827 2.611  1.00 11.79 ? 3   GLU A N   1 
ATOM   22  C CA  . GLU A 1 3 ? 3.256  -1.679 1.163  1.00 16.88 ? 3   GLU A CA  1 
ATOM   23  C C   . GLU A 1 3 ? 2.426  -0.479 0.795  1.00 12.75 ? 3   GLU A C   1 
ATOM   24  O O   . GLU A 1 3 ? 1.493  -0.115 1.529  1.00 14.72 ? 3   GLU A O   1 
ATOM   25  C CB  . GLU A 1 3 ? 2.710  -2.939 0.424  1.00 16.14 ? 3   GLU A CB  1 
ATOM   26  C CG  . GLU A 1 3 ? 3.477  -4.228 0.694  1.00 21.17 ? 3   GLU A CG  1 
ATOM   27  C CD  . GLU A 1 3 ? 2.855  -5.515 0.178  1.00 35.52 ? 3   GLU A CD  1 
ATOM   28  O OE1 . GLU A 1 3 ? 1.675  -5.489 -0.234 1.00 39.66 ? 3   GLU A OE1 1 
ATOM   29  O OE2 . GLU A 1 3 ? 3.554  -6.553 0.182  1.00 40.48 ? 3   GLU A OE2 1 
ATOM   30  N N   . PHE A 1 4 ? 2.757  0.131  -0.358 1.00 11.60 ? 4   PHE A N   1 
ATOM   31  C CA  . PHE A 1 4 ? 1.988  1.224  -0.934 1.00 13.33 ? 4   PHE A CA  1 
ATOM   32  C C   . PHE A 1 4 ? 2.003  1.123  -2.449 1.00 15.23 ? 4   PHE A C   1 
ATOM   33  O O   . PHE A 1 4 ? 3.029  0.821  -3.051 1.00 14.12 ? 4   PHE A O   1 
ATOM   34  C CB  . PHE A 1 4 ? 2.496  2.611  -0.438 1.00 12.18 ? 4   PHE A CB  1 
ATOM   35  C CG  . PHE A 1 4 ? 1.837  3.793  -1.111 1.00 17.21 ? 4   PHE A CG  1 
ATOM   36  C CD1 . PHE A 1 4 ? 0.625  4.305  -0.632 1.00 15.62 ? 4   PHE A CD1 1 
ATOM   37  C CD2 . PHE A 1 4 ? 2.408  4.379  -2.255 1.00 15.09 ? 4   PHE A CD2 1 
ATOM   38  C CE1 . PHE A 1 4 ? -0.023 5.364  -1.304 1.00 13.91 ? 4   PHE A CE1 1 
ATOM   39  C CE2 . PHE A 1 4 ? 1.761  5.427  -2.922 1.00 14.41 ? 4   PHE A CE2 1 
ATOM   40  C CZ  . PHE A 1 4 ? 0.560  5.929  -2.425 1.00 13.02 ? 4   PHE A CZ  1 
ATOM   41  N N   . GLU A 1 5 ? 0.838  1.337  -3.064 1.00 18.82 ? 5   GLU A N   1 
ATOM   42  C CA  . GLU A 1 5 ? 0.691  1.430  -4.510 1.00 18.75 ? 5   GLU A CA  1 
ATOM   43  C C   . GLU A 1 5 ? -0.129 2.661  -4.759 1.00 18.26 ? 5   GLU A C   1 
ATOM   44  O O   . GLU A 1 5 ? -1.076 2.910  -4.009 1.00 16.47 ? 5   GLU A O   1 
ATOM   45  C CB  . GLU A 1 5 ? -0.081 0.234  -5.098 1.00 25.88 ? 5   GLU A CB  1 
ATOM   46  C CG  . GLU A 1 5 ? 0.683  -1.064 -5.135 1.00 33.49 ? 5   GLU A CG  1 
ATOM   47  C CD  . GLU A 1 5 ? 0.119  -2.073 -6.115 1.00 48.60 ? 5   GLU A CD  1 
ATOM   48  O OE1 . GLU A 1 5 ? -1.124 -2.207 -6.188 1.00 50.82 ? 5   GLU A OE1 1 
ATOM   49  O OE2 . GLU A 1 5 ? 0.924  -2.737 -6.809 1.00 54.33 ? 5   GLU A OE2 1 
ATOM   50  N N   . VAL A 1 6 ? 0.186  3.421  -5.821 1.00 17.03 ? 6   VAL A N   1 
ATOM   51  C CA  . VAL A 1 6 ? -0.642 4.581  -6.189 1.00 19.00 ? 6   VAL A CA  1 
ATOM   52  C C   . VAL A 1 6 ? -1.648 4.192  -7.292 1.00 22.93 ? 6   VAL A C   1 
ATOM   53  O O   . VAL A 1 6 ? -1.385 3.246  -8.059 1.00 23.93 ? 6   VAL A O   1 
ATOM   54  C CB  . VAL A 1 6 ? 0.178  5.861  -6.519 1.00 22.02 ? 6   VAL A CB  1 
ATOM   55  C CG1 . VAL A 1 6 ? 0.928  5.724  -7.849 1.00 17.24 ? 6   VAL A CG1 1 
ATOM   56  C CG2 . VAL A 1 6 ? -0.715 7.103  -6.497 1.00 23.00 ? 6   VAL A CG2 1 
ATOM   57  O OXT . VAL A 1 6 ? -2.748 4.770  -7.319 1.00 25.30 ? 6   VAL A OXT 1 
ATOM   58  N N   . ARG B 1 1 ? -5.513 1.122  -8.711 1.00 19.05 ? 1   ARG C N   1 
ATOM   59  C CA  . ARG B 1 1 ? -6.052 1.559  -7.428 1.00 20.03 ? 1   ARG C CA  1 
ATOM   60  C C   . ARG B 1 1 ? -4.906 1.922  -6.467 1.00 25.60 ? 1   ARG C C   1 
ATOM   61  O O   . ARG B 1 1 ? -3.796 1.384  -6.587 1.00 24.24 ? 1   ARG C O   1 
ATOM   62  C CB  . ARG B 1 1 ? -6.960 0.457  -6.831 1.00 20.07 ? 1   ARG C CB  1 
ATOM   63  C CG  . ARG B 1 1 ? -6.375 -0.416 -5.737 1.00 27.22 ? 1   ARG C CG  1 
ATOM   64  C CD  . ARG B 1 1 ? -7.402 -1.377 -5.170 1.00 29.69 ? 1   ARG C CD  1 
ATOM   65  N NE  . ARG B 1 1 ? -7.762 -2.412 -6.137 1.00 43.48 ? 1   ARG C NE  1 
ATOM   66  C CZ  . ARG B 1 1 ? -7.091 -3.546 -6.318 1.00 52.62 ? 1   ARG C CZ  1 
ATOM   67  N NH1 . ARG B 1 1 ? -7.491 -4.420 -7.227 1.00 42.61 ? 1   ARG C NH1 1 
ATOM   68  N NH2 . ARG B 1 1 ? -6.017 -3.816 -5.582 1.00 43.71 ? 1   ARG C NH2 1 
ATOM   69  N N   . GLN B 1 2 ? -5.160 2.847  -5.541 1.00 15.91 ? 2   GLN C N   1 
ATOM   70  C CA  . GLN B 1 2 ? -4.138 3.148  -4.552 1.00 13.19 ? 2   GLN C CA  1 
ATOM   71  C C   . GLN B 1 2 ? -4.383 2.231  -3.347 1.00 18.62 ? 2   GLN C C   1 
ATOM   72  O O   . GLN B 1 2 ? -5.540 1.981  -2.967 1.00 15.33 ? 2   GLN C O   1 
ATOM   73  C CB  . GLN B 1 2 ? -4.169 4.641  -4.172 1.00 13.80 ? 2   GLN C CB  1 
ATOM   74  C CG  . GLN B 1 2 ? -3.287 5.037  -2.982 1.00 14.36 ? 2   GLN C CG  1 
ATOM   75  C CD  . GLN B 1 2 ? -3.951 4.815  -1.637 1.00 17.26 ? 2   GLN C CD  1 
ATOM   76  O OE1 . GLN B 1 2 ? -5.126 5.113  -1.465 1.00 15.26 ? 2   GLN C OE1 1 
ATOM   77  N NE2 . GLN B 1 2 ? -3.230 4.265  -0.655 1.00 12.66 ? 2   GLN C NE2 1 
ATOM   78  N N   . GLU B 1 3 ? -3.307 1.745  -2.730 1.00 16.64 ? 3   GLU C N   1 
ATOM   79  C CA  . GLU B 1 3 ? -3.464 0.904  -1.557 1.00 17.26 ? 3   GLU C CA  1 
ATOM   80  C C   . GLU B 1 3 ? -2.342 1.128  -0.562 1.00 13.01 ? 3   GLU C C   1 
ATOM   81  O O   . GLU B 1 3 ? -1.232 1.517  -0.944 1.00 15.43 ? 3   GLU C O   1 
ATOM   82  C CB  . GLU B 1 3 ? -3.621 -0.601 -1.932 1.00 21.32 ? 3   GLU C CB  1 
ATOM   83  C CG  . GLU B 1 3 ? -2.400 -1.300 -2.518 1.00 24.99 ? 3   GLU C CG  1 
ATOM   84  C CD  . GLU B 1 3 ? -2.690 -2.667 -3.133 1.00 35.08 ? 3   GLU C CD  1 
ATOM   85  O OE1 . GLU B 1 3 ? -3.857 -2.911 -3.517 1.00 35.38 ? 3   GLU C OE1 1 
ATOM   86  O OE2 . GLU B 1 3 ? -1.751 -3.493 -3.244 1.00 38.99 ? 3   GLU C OE2 1 
ATOM   87  N N   . PHE B 1 4 ? -2.635 0.899  0.712  1.00 12.49 ? 4   PHE C N   1 
ATOM   88  C CA  . PHE B 1 4 ? -1.617 0.988  1.754  1.00 10.28 ? 4   PHE C CA  1 
ATOM   89  C C   . PHE B 1 4 ? -1.878 -0.090 2.752  1.00 11.94 ? 4   PHE C C   1 
ATOM   90  O O   . PHE B 1 4 ? -3.025 -0.314 3.142  1.00 14.13 ? 4   PHE C O   1 
ATOM   91  C CB  . PHE B 1 4 ? -1.603 2.387  2.461  1.00 12.45 ? 4   PHE C CB  1 
ATOM   92  C CG  . PHE B 1 4 ? -0.622 2.483  3.627  1.00 14.58 ? 4   PHE C CG  1 
ATOM   93  C CD1 . PHE B 1 4 ? -0.994 2.085  4.906  1.00 15.11 ? 4   PHE C CD1 1 
ATOM   94  C CD2 . PHE B 1 4 ? 0.683  2.917  3.425  1.00 14.08 ? 4   PHE C CD2 1 
ATOM   95  C CE1 . PHE B 1 4 ? -0.060 2.081  5.958  1.00 15.06 ? 4   PHE C CE1 1 
ATOM   96  C CE2 . PHE B 1 4 ? 1.618  2.891  4.469  1.00 17.11 ? 4   PHE C CE2 1 
ATOM   97  C CZ  . PHE B 1 4 ? 1.243  2.480  5.726  1.00 14.76 ? 4   PHE C CZ  1 
ATOM   98  N N   . GLU B 1 5 ? -0.807 -0.674 3.285  1.00 14.99 ? 5   GLU C N   1 
ATOM   99  C CA  . GLU B 1 5 ? -0.993 -1.587 4.419  1.00 15.05 ? 5   GLU C CA  1 
ATOM   100 C C   . GLU B 1 5 ? 0.270  -1.627 5.280  1.00 16.43 ? 5   GLU C C   1 
ATOM   101 O O   . GLU B 1 5 ? 1.346  -1.207 4.826  1.00 13.10 ? 5   GLU C O   1 
ATOM   102 C CB  . GLU B 1 5 ? -1.410 -2.993 3.952  1.00 15.36 ? 5   GLU C CB  1 
ATOM   103 C CG  . GLU B 1 5 ? -0.338 -3.727 3.178  1.00 22.37 ? 5   GLU C CG  1 
ATOM   104 C CD  . GLU B 1 5 ? -0.584 -5.203 2.947  1.00 36.77 ? 5   GLU C CD  1 
ATOM   105 O OE1 . GLU B 1 5 ? -1.735 -5.659 3.138  1.00 37.88 ? 5   GLU C OE1 1 
ATOM   106 O OE2 . GLU B 1 5 ? 0.387  -5.911 2.595  1.00 46.50 ? 5   GLU C OE2 1 
ATOM   107 N N   . VAL B 1 6 ? 0.141  -2.139 6.513  1.00 16.19 ? 6   VAL C N   1 
ATOM   108 C CA  . VAL B 1 6 ? 1.298  -2.415 7.367  1.00 17.80 ? 6   VAL C CA  1 
ATOM   109 C C   . VAL B 1 6 ? 1.437  -3.959 7.544  1.00 18.97 ? 6   VAL C C   1 
ATOM   110 O O   . VAL B 1 6 ? 0.612  -4.714 7.000  1.00 23.60 ? 6   VAL C O   1 
ATOM   111 C CB  . VAL B 1 6 ? 1.414  -1.608 8.692  1.00 20.64 ? 6   VAL C CB  1 
ATOM   112 C CG1 . VAL B 1 6 ? 1.662  -0.129 8.416  1.00 19.58 ? 6   VAL C CG1 1 
ATOM   113 C CG2 . VAL B 1 6 ? 0.211  -1.830 9.626  1.00 17.53 ? 6   VAL C CG2 1 
ATOM   114 O OXT . VAL B 1 6 ? 2.464  -4.434 8.063  1.00 20.55 ? 6   VAL C OXT 1 
HETATM 115 O O   . HOH C 2 . ? 1.794  2.195  -7.611 1.00 21.04 ? 101 HOH A O   1 
HETATM 116 O O   . HOH C 2 . ? 1.915  -7.195 4.822  1.00 35.06 ? 102 HOH A O   1 
HETATM 117 O O   . HOH C 2 . ? 3.205  -2.834 -8.399 1.00 41.04 ? 103 HOH A O   1 
HETATM 118 O O   . HOH D 2 . ? -3.788 -5.732 5.220  1.00 33.02 ? 101 HOH C O   1 
# 
